data_4PP4
#
_entry.id   4PP4
#
_cell.length_a   56.940
_cell.length_b   121.650
_cell.length_c   41.820
_cell.angle_alpha   90.00
_cell.angle_beta   90.00
_cell.angle_gamma   90.00
#
_symmetry.space_group_name_H-M   'P 21 21 2'
#
loop_
_entity.id
_entity.type
_entity.pdbx_description
1 polymer 'Non-capsid protein NS-1'
2 non-polymer BETA-MERCAPTOETHANOL
3 non-polymer 'SODIUM ION'
4 water water
#
_entity_poly.entity_id   1
_entity_poly.type   'polypeptide(L)'
_entity_poly.pdbx_seq_one_letter_code
;MGSSHHHHHHSSGLVPRGSHMMAGNAYSDEVLGATNWLKEKSNQEVFSFVFKNENVQLNGKDIGWNSYKKELQEDELKSL
QRGAETTWDQSEDMEWETTVDEMTKKQVFIFDSLVKKCLFEVLNTKNIFPGDVNWFVQHEWGKDQGWHCHVLIGGKDFSQ
AQGKWWRRQLNVYWSRWLVTACNVQLTPAERIKLREIAEDNEWVTLLTYKHKQTKKDYTKCVLFGNMIAYYFLTKKKIST
SPPRDGGYFLSSDSGWKTNFLKEGERHLVSKLYTDD
;
_entity_poly.pdbx_strand_id   A
#
loop_
_chem_comp.id
_chem_comp.type
_chem_comp.name
_chem_comp.formula
BME non-polymer BETA-MERCAPTOETHANOL 'C2 H6 O S'
NA non-polymer 'SODIUM ION' 'Na 1'
#
# COMPACT_ATOMS: atom_id res chain seq x y z
N TYR A 27 16.75 -22.43 0.28
CA TYR A 27 16.11 -22.56 1.58
C TYR A 27 16.84 -21.75 2.65
N SER A 28 17.08 -20.47 2.36
CA SER A 28 17.62 -19.57 3.35
C SER A 28 16.64 -19.46 4.51
N ASP A 29 17.16 -19.09 5.68
CA ASP A 29 16.30 -18.89 6.84
C ASP A 29 15.23 -17.84 6.57
N GLU A 30 15.57 -16.83 5.76
CA GLU A 30 14.67 -15.74 5.43
C GLU A 30 13.48 -16.22 4.61
N VAL A 31 13.74 -17.11 3.66
CA VAL A 31 12.67 -17.66 2.84
C VAL A 31 11.82 -18.62 3.67
N LEU A 32 12.47 -19.48 4.45
CA LEU A 32 11.73 -20.41 5.31
C LEU A 32 10.91 -19.63 6.33
N GLY A 33 11.48 -18.60 6.92
CA GLY A 33 10.79 -17.80 7.91
C GLY A 33 9.57 -17.11 7.36
N ALA A 34 9.71 -16.51 6.17
CA ALA A 34 8.59 -15.85 5.54
C ALA A 34 7.49 -16.85 5.21
N THR A 35 7.88 -18.01 4.69
CA THR A 35 6.90 -19.03 4.31
C THR A 35 6.11 -19.47 5.56
N ASN A 36 6.81 -19.74 6.65
CA ASN A 36 6.17 -20.19 7.89
C ASN A 36 5.25 -19.13 8.48
N TRP A 37 5.70 -17.87 8.46
CA TRP A 37 4.92 -16.76 8.98
C TRP A 37 3.62 -16.61 8.21
N LEU A 38 3.68 -16.67 6.88
CA LEU A 38 2.48 -16.61 6.08
C LEU A 38 1.56 -17.83 6.26
N LYS A 39 2.13 -19.03 6.30
CA LYS A 39 1.33 -20.24 6.40
C LYS A 39 0.52 -20.26 7.71
N GLU A 40 1.13 -19.79 8.80
CA GLU A 40 0.43 -19.70 10.09
C GLU A 40 -0.75 -18.76 10.01
N LYS A 41 -0.74 -17.82 9.06
CA LYS A 41 -1.82 -16.87 8.88
C LYS A 41 -2.60 -17.14 7.59
N SER A 42 -2.52 -18.37 7.10
CA SER A 42 -3.09 -18.73 5.81
C SER A 42 -4.54 -18.35 5.70
N ASN A 43 -5.28 -18.56 6.79
CA ASN A 43 -6.74 -18.46 6.81
C ASN A 43 -7.26 -17.31 7.66
N GLN A 44 -6.37 -16.38 7.98
CA GLN A 44 -6.81 -15.24 8.73
C GLN A 44 -7.58 -14.29 7.82
N GLU A 45 -8.83 -13.98 8.20
CA GLU A 45 -9.65 -13.05 7.44
C GLU A 45 -9.11 -11.64 7.67
N VAL A 46 -8.94 -10.90 6.58
CA VAL A 46 -8.47 -9.54 6.65
C VAL A 46 -9.19 -8.66 5.64
N PHE A 47 -9.22 -7.37 5.90
CA PHE A 47 -9.71 -6.40 4.92
C PHE A 47 -8.71 -6.26 3.79
N SER A 48 -9.23 -5.94 2.61
CA SER A 48 -8.42 -5.58 1.46
C SER A 48 -8.75 -4.15 1.01
N PHE A 49 -7.75 -3.28 1.09
CA PHE A 49 -7.87 -1.89 0.67
C PHE A 49 -6.94 -1.60 -0.48
N VAL A 50 -7.28 -0.60 -1.29
CA VAL A 50 -6.32 -0.02 -2.22
C VAL A 50 -6.26 1.48 -1.95
N PHE A 51 -5.04 1.98 -1.79
CA PHE A 51 -4.75 3.41 -1.69
C PHE A 51 -4.30 3.81 -3.07
N LYS A 52 -4.88 4.90 -3.58
CA LYS A 52 -4.58 5.35 -4.94
C LYS A 52 -4.59 6.86 -5.03
N ASN A 53 -4.28 7.37 -6.20
CA ASN A 53 -4.64 8.76 -6.49
C ASN A 53 -5.11 8.81 -7.93
N GLU A 54 -5.70 9.94 -8.31
CA GLU A 54 -6.15 10.17 -9.67
C GLU A 54 -5.68 11.54 -10.10
N ASN A 55 -5.54 11.73 -11.39
CA ASN A 55 -5.06 12.99 -11.91
C ASN A 55 -6.09 14.07 -11.74
N VAL A 56 -5.60 15.26 -11.41
CA VAL A 56 -6.46 16.39 -11.13
C VAL A 56 -5.85 17.61 -11.82
N GLN A 57 -6.66 18.42 -12.46
CA GLN A 57 -6.24 19.73 -12.88
C GLN A 57 -7.10 20.79 -12.20
N LEU A 58 -6.43 21.72 -11.52
CA LEU A 58 -7.11 22.80 -10.82
C LEU A 58 -6.57 24.12 -11.32
N ASN A 59 -7.43 24.91 -11.96
CA ASN A 59 -7.02 26.20 -12.49
C ASN A 59 -5.76 26.11 -13.32
N GLY A 60 -5.70 25.09 -14.17
CA GLY A 60 -4.57 24.92 -15.08
C GLY A 60 -3.38 24.20 -14.48
N LYS A 61 -3.42 23.98 -13.17
CA LYS A 61 -2.36 23.30 -12.46
C LYS A 61 -2.56 21.80 -12.48
N ASP A 62 -1.56 21.08 -12.99
CA ASP A 62 -1.64 19.64 -13.15
C ASP A 62 -1.09 18.91 -11.93
N ILE A 63 -1.93 18.07 -11.33
CA ILE A 63 -1.57 17.29 -10.16
C ILE A 63 -1.65 15.81 -10.56
N GLY A 64 -0.50 15.22 -10.84
CA GLY A 64 -0.41 13.86 -11.32
C GLY A 64 -0.11 12.90 -10.20
N TRP A 65 0.20 11.66 -10.56
CA TRP A 65 0.34 10.62 -9.55
C TRP A 65 1.55 10.86 -8.65
N ASN A 66 2.54 11.56 -9.20
CA ASN A 66 3.81 11.82 -8.53
C ASN A 66 4.00 13.28 -8.15
N SER A 67 2.90 13.93 -7.84
CA SER A 67 2.89 15.33 -7.46
C SER A 67 2.83 15.50 -5.93
N TYR A 68 3.30 14.50 -5.20
CA TYR A 68 3.20 14.46 -3.74
C TYR A 68 4.56 14.17 -3.12
N LYS A 69 5.56 14.97 -3.48
CA LYS A 69 6.96 14.66 -3.19
C LYS A 69 7.57 15.49 -2.07
N LYS A 70 6.77 16.24 -1.32
CA LYS A 70 7.28 16.82 -0.10
C LYS A 70 7.61 15.73 0.91
N GLU A 71 8.76 15.87 1.55
CA GLU A 71 9.17 14.97 2.61
C GLU A 71 8.90 15.71 3.90
N LEU A 72 7.77 15.36 4.49
CA LEU A 72 7.29 16.06 5.66
C LEU A 72 8.10 15.65 6.90
N GLN A 73 8.41 16.63 7.73
CA GLN A 73 9.45 16.43 8.75
C GLN A 73 8.91 15.91 10.07
N GLU A 74 7.82 15.20 10.00
CA GLU A 74 7.25 14.52 11.15
C GLU A 74 8.11 13.29 11.47
N ASP A 75 8.49 13.09 12.72
CA ASP A 75 9.46 12.04 13.05
C ASP A 75 9.03 10.65 12.62
N GLU A 76 7.77 10.28 12.88
CA GLU A 76 7.30 8.95 12.50
C GLU A 76 7.33 8.76 10.98
N LEU A 77 6.88 9.77 10.25
CA LEU A 77 6.88 9.69 8.81
C LEU A 77 8.31 9.52 8.27
N LYS A 78 9.24 10.28 8.83
CA LYS A 78 10.63 10.20 8.40
C LYS A 78 11.15 8.78 8.63
N SER A 79 10.81 8.21 9.77
CA SER A 79 11.23 6.84 10.11
C SER A 79 10.64 5.83 9.12
N LEU A 80 9.35 5.99 8.81
CA LEU A 80 8.68 5.09 7.88
C LEU A 80 9.30 5.22 6.50
N GLN A 81 9.64 6.43 6.11
CA GLN A 81 10.25 6.59 4.79
C GLN A 81 11.61 5.90 4.75
N ARG A 82 12.38 5.99 5.83
CA ARG A 82 13.67 5.30 5.89
C ARG A 82 13.48 3.80 5.77
N GLY A 83 12.45 3.27 6.41
CA GLY A 83 12.14 1.87 6.30
C GLY A 83 11.85 1.43 4.89
N ALA A 84 11.10 2.23 4.15
CA ALA A 84 10.82 1.95 2.73
C ALA A 84 12.09 1.93 1.90
N GLU A 85 12.95 2.94 2.11
CA GLU A 85 14.20 3.02 1.38
C GLU A 85 15.03 1.78 1.63
N THR A 86 15.12 1.39 2.89
CA THR A 86 15.99 0.27 3.22
C THR A 86 15.37 -1.07 2.73
N THR A 87 14.04 -1.17 2.75
CA THR A 87 13.34 -2.30 2.14
C THR A 87 13.67 -2.38 0.65
N TRP A 88 13.59 -1.26 -0.07
CA TRP A 88 13.97 -1.25 -1.48
C TRP A 88 15.40 -1.72 -1.64
N ASP A 89 16.31 -1.13 -0.84
CA ASP A 89 17.72 -1.43 -0.99
C ASP A 89 18.06 -2.92 -0.74
N GLN A 90 17.46 -3.50 0.28
CA GLN A 90 17.80 -4.88 0.65
C GLN A 90 17.17 -5.88 -0.32
N SER A 91 16.05 -5.51 -0.92
CA SER A 91 15.35 -6.42 -1.85
C SER A 91 15.82 -6.26 -3.30
N GLU A 92 16.71 -5.31 -3.55
CA GLU A 92 17.20 -5.07 -4.89
C GLU A 92 18.12 -6.20 -5.33
N ASP A 93 17.89 -6.70 -6.54
CA ASP A 93 18.75 -7.72 -7.11
C ASP A 93 19.76 -7.02 -8.01
N MET A 94 21.02 -7.03 -7.60
CA MET A 94 22.07 -6.31 -8.29
C MET A 94 22.68 -7.14 -9.41
N GLU A 95 22.38 -8.45 -9.42
CA GLU A 95 22.74 -9.29 -10.55
C GLU A 95 22.22 -8.63 -11.83
N TRP A 96 21.03 -8.04 -11.73
CA TRP A 96 20.41 -7.32 -12.83
C TRP A 96 20.42 -5.82 -12.59
N GLU A 97 20.54 -5.05 -13.68
CA GLU A 97 20.47 -3.60 -13.60
C GLU A 97 19.03 -3.18 -13.33
N THR A 98 18.87 -2.06 -12.62
CA THR A 98 17.56 -1.50 -12.34
C THR A 98 17.57 -0.04 -12.78
N THR A 99 16.66 0.29 -13.69
CA THR A 99 16.60 1.64 -14.25
C THR A 99 15.28 2.32 -13.92
N VAL A 100 14.70 1.97 -12.77
CA VAL A 100 13.56 2.74 -12.28
C VAL A 100 13.99 4.19 -12.01
N ASP A 101 13.21 5.14 -12.53
CA ASP A 101 13.45 6.57 -12.32
C ASP A 101 13.61 6.90 -10.84
N GLU A 102 14.52 7.80 -10.53
CA GLU A 102 14.74 8.23 -9.16
C GLU A 102 13.49 8.92 -8.58
N MET A 103 12.77 9.67 -9.42
CA MET A 103 11.58 10.38 -8.95
C MET A 103 10.51 9.36 -8.59
N THR A 104 10.44 8.28 -9.35
CA THR A 104 9.43 7.25 -9.12
C THR A 104 9.69 6.53 -7.79
N LYS A 105 10.93 6.13 -7.56
CA LYS A 105 11.33 5.54 -6.28
C LYS A 105 11.01 6.46 -5.11
N LYS A 106 11.43 7.71 -5.19
CA LYS A 106 11.15 8.69 -4.14
C LYS A 106 9.66 8.78 -3.83
N GLN A 107 8.85 8.91 -4.87
CA GLN A 107 7.42 9.03 -4.63
C GLN A 107 6.86 7.78 -3.99
N VAL A 108 7.31 6.60 -4.43
CA VAL A 108 6.82 5.36 -3.83
C VAL A 108 7.23 5.27 -2.35
N PHE A 109 8.45 5.66 -2.03
CA PHE A 109 8.89 5.65 -0.64
C PHE A 109 8.04 6.59 0.21
N ILE A 110 7.74 7.77 -0.31
CA ILE A 110 6.88 8.71 0.38
C ILE A 110 5.49 8.10 0.57
N PHE A 111 4.91 7.55 -0.48
CA PHE A 111 3.57 6.97 -0.34
C PHE A 111 3.58 5.81 0.64
N ASP A 112 4.62 5.01 0.68
CA ASP A 112 4.68 3.92 1.66
C ASP A 112 4.56 4.50 3.06
N SER A 113 5.29 5.59 3.31
CA SER A 113 5.21 6.21 4.62
C SER A 113 3.82 6.77 4.93
N LEU A 114 3.19 7.42 3.94
CA LEU A 114 1.88 8.01 4.13
C LEU A 114 0.80 6.95 4.33
N VAL A 115 0.85 5.87 3.55
CA VAL A 115 -0.12 4.79 3.69
C VAL A 115 -0.05 4.23 5.10
N LYS A 116 1.16 3.91 5.54
CA LYS A 116 1.33 3.36 6.86
C LYS A 116 0.92 4.32 7.96
N LYS A 117 1.22 5.61 7.78
CA LYS A 117 0.76 6.59 8.75
C LYS A 117 -0.75 6.54 8.89
N CYS A 118 -1.47 6.42 7.78
CA CYS A 118 -2.92 6.33 7.83
C CYS A 118 -3.38 5.10 8.59
N LEU A 119 -2.79 3.94 8.27
CA LEU A 119 -3.14 2.70 8.98
C LEU A 119 -2.93 2.86 10.47
N PHE A 120 -1.79 3.43 10.85
CA PHE A 120 -1.42 3.51 12.24
C PHE A 120 -2.31 4.52 13.00
N GLU A 121 -2.73 5.57 12.31
CA GLU A 121 -3.64 6.54 12.89
C GLU A 121 -4.99 5.90 13.24
N VAL A 122 -5.49 5.05 12.34
CA VAL A 122 -6.75 4.39 12.59
C VAL A 122 -6.58 3.36 13.71
N LEU A 123 -5.46 2.64 13.72
CA LEU A 123 -5.22 1.72 14.83
C LEU A 123 -5.24 2.43 16.17
N ASN A 124 -4.63 3.61 16.23
CA ASN A 124 -4.62 4.37 17.46
C ASN A 124 -6.04 4.75 17.90
N THR A 125 -6.88 5.13 16.92
CA THR A 125 -8.27 5.51 17.23
C THR A 125 -9.00 4.36 17.93
N LYS A 126 -8.68 3.14 17.55
CA LYS A 126 -9.26 1.92 18.13
C LYS A 126 -8.44 1.30 19.26
N ASN A 127 -7.37 1.97 19.69
CA ASN A 127 -6.50 1.45 20.78
C ASN A 127 -6.00 0.04 20.48
N ILE A 128 -5.63 -0.18 19.24
CA ILE A 128 -5.11 -1.46 18.81
C ILE A 128 -3.59 -1.47 18.88
N PHE A 129 -3.09 -2.35 19.75
CA PHE A 129 -1.66 -2.57 19.90
C PHE A 129 -1.13 -3.17 18.61
N PRO A 130 -0.01 -2.64 18.10
CA PRO A 130 0.40 -2.98 16.74
C PRO A 130 0.64 -4.47 16.55
N GLY A 131 1.12 -5.14 17.58
CA GLY A 131 1.35 -6.56 17.55
C GLY A 131 0.10 -7.40 17.45
N ASP A 132 -1.07 -6.78 17.61
CA ASP A 132 -2.34 -7.54 17.54
C ASP A 132 -2.97 -7.43 16.16
N VAL A 133 -2.21 -6.90 15.19
CA VAL A 133 -2.64 -6.69 13.83
C VAL A 133 -1.66 -7.38 12.89
N ASN A 134 -2.16 -8.02 11.83
CA ASN A 134 -1.31 -8.47 10.75
C ASN A 134 -1.61 -7.61 9.53
N TRP A 135 -0.56 -7.15 8.85
CA TRP A 135 -0.77 -6.36 7.64
C TRP A 135 0.29 -6.66 6.61
N PHE A 136 -0.05 -6.38 5.37
CA PHE A 136 0.79 -6.56 4.21
C PHE A 136 0.49 -5.42 3.24
N VAL A 137 1.54 -4.81 2.71
CA VAL A 137 1.46 -3.69 1.81
C VAL A 137 2.23 -4.02 0.54
N GLN A 138 1.64 -3.75 -0.62
CA GLN A 138 2.34 -3.91 -1.89
C GLN A 138 1.97 -2.84 -2.90
N HIS A 139 2.99 -2.09 -3.28
CA HIS A 139 2.88 -1.07 -4.31
C HIS A 139 3.02 -1.67 -5.69
N GLU A 140 2.11 -1.31 -6.57
CA GLU A 140 2.03 -1.87 -7.90
C GLU A 140 1.78 -0.77 -8.93
N TRP A 141 1.99 -1.13 -10.19
CA TRP A 141 1.68 -0.26 -11.31
C TRP A 141 0.67 -0.94 -12.22
N GLY A 142 -0.55 -0.43 -12.25
CA GLY A 142 -1.60 -1.05 -13.06
C GLY A 142 -1.60 -0.54 -14.48
N LYS A 143 -2.05 -1.39 -15.40
CA LYS A 143 -2.03 -1.04 -16.80
C LYS A 143 -2.80 0.25 -17.07
N ASP A 144 -3.93 0.40 -16.38
CA ASP A 144 -4.81 1.55 -16.58
C ASP A 144 -4.63 2.63 -15.51
N GLN A 145 -4.56 2.23 -14.24
CA GLN A 145 -4.56 3.20 -13.15
C GLN A 145 -3.17 3.67 -12.73
N GLY A 146 -2.12 2.95 -13.12
CA GLY A 146 -0.78 3.33 -12.70
C GLY A 146 -0.52 2.99 -11.25
N TRP A 147 0.20 3.85 -10.53
CA TRP A 147 0.59 3.54 -9.16
C TRP A 147 -0.65 3.34 -8.28
N HIS A 148 -0.60 2.32 -7.45
CA HIS A 148 -1.56 2.11 -6.38
C HIS A 148 -0.95 1.19 -5.36
N CYS A 149 -1.54 1.14 -4.19
CA CYS A 149 -0.96 0.36 -3.11
C CYS A 149 -2.02 -0.51 -2.48
N HIS A 150 -1.81 -1.80 -2.55
CA HIS A 150 -2.66 -2.79 -1.88
C HIS A 150 -2.29 -2.91 -0.42
N VAL A 151 -3.29 -2.92 0.46
CA VAL A 151 -3.12 -3.17 1.87
C VAL A 151 -4.08 -4.27 2.30
N LEU A 152 -3.53 -5.31 2.93
CA LEU A 152 -4.31 -6.30 3.65
C LEU A 152 -4.08 -6.05 5.14
N ILE A 153 -5.15 -6.01 5.91
CA ILE A 153 -5.01 -5.75 7.34
C ILE A 153 -6.14 -6.40 8.12
N GLY A 154 -5.80 -7.02 9.24
CA GLY A 154 -6.80 -7.56 10.13
C GLY A 154 -6.19 -8.03 11.42
N GLY A 155 -7.00 -8.65 12.27
CA GLY A 155 -6.56 -9.13 13.57
C GLY A 155 -7.74 -9.44 14.49
N LYS A 156 -7.45 -9.81 15.72
CA LYS A 156 -8.53 -10.15 16.66
C LYS A 156 -9.50 -8.99 16.97
N ASP A 157 -9.04 -7.74 16.88
CA ASP A 157 -9.91 -6.62 17.20
C ASP A 157 -10.75 -6.19 16.00
N PHE A 158 -10.79 -7.02 14.96
CA PHE A 158 -11.46 -6.67 13.71
C PHE A 158 -12.69 -7.54 13.43
N SER A 159 -13.73 -6.92 12.86
CA SER A 159 -14.88 -7.63 12.35
C SER A 159 -15.32 -7.04 11.00
N GLN A 160 -15.92 -7.89 10.18
CA GLN A 160 -16.31 -7.51 8.81
C GLN A 160 -17.18 -6.25 8.75
N ALA A 161 -18.12 -6.14 9.69
CA ALA A 161 -19.03 -5.01 9.74
C ALA A 161 -18.32 -3.65 9.88
N GLN A 162 -17.06 -3.67 10.27
CA GLN A 162 -16.31 -2.43 10.51
C GLN A 162 -15.61 -1.94 9.24
N GLY A 163 -15.71 -2.70 8.16
CA GLY A 163 -15.01 -2.34 6.94
C GLY A 163 -15.30 -0.97 6.38
N LYS A 164 -16.58 -0.61 6.30
CA LYS A 164 -16.99 0.67 5.76
C LYS A 164 -16.39 1.81 6.57
N TRP A 165 -16.47 1.69 7.91
CA TRP A 165 -15.89 2.69 8.79
C TRP A 165 -14.39 2.79 8.56
N TRP A 166 -13.71 1.67 8.45
CA TRP A 166 -12.28 1.68 8.22
C TRP A 166 -11.95 2.38 6.91
N ARG A 167 -12.68 2.07 5.85
CA ARG A 167 -12.41 2.69 4.55
C ARG A 167 -12.56 4.21 4.66
N ARG A 168 -13.63 4.65 5.29
CA ARG A 168 -13.92 6.08 5.44
C ARG A 168 -12.82 6.76 6.25
N GLN A 169 -12.45 6.18 7.38
CA GLN A 169 -11.40 6.77 8.21
C GLN A 169 -10.08 6.82 7.46
N LEU A 170 -9.73 5.74 6.79
CA LEU A 170 -8.47 5.71 6.06
C LEU A 170 -8.48 6.79 4.99
N ASN A 171 -9.61 6.98 4.33
CA ASN A 171 -9.68 7.97 3.28
C ASN A 171 -9.58 9.39 3.85
N VAL A 172 -10.08 9.61 5.05
CA VAL A 172 -9.90 10.91 5.71
C VAL A 172 -8.41 11.17 5.87
N TYR A 173 -7.71 10.25 6.48
CA TYR A 173 -6.28 10.47 6.71
C TYR A 173 -5.47 10.53 5.44
N TRP A 174 -5.82 9.72 4.45
CA TRP A 174 -5.09 9.67 3.19
C TRP A 174 -5.24 10.99 2.46
N SER A 175 -6.47 11.49 2.37
CA SER A 175 -6.68 12.77 1.71
C SER A 175 -5.97 13.89 2.45
N ARG A 176 -6.00 13.88 3.77
CA ARG A 176 -5.34 14.92 4.55
C ARG A 176 -3.84 14.91 4.29
N TRP A 177 -3.23 13.73 4.32
CA TRP A 177 -1.80 13.65 4.11
C TRP A 177 -1.41 13.99 2.69
N LEU A 178 -2.18 13.55 1.71
CA LEU A 178 -1.88 13.91 0.34
C LEU A 178 -1.87 15.41 0.12
N VAL A 179 -2.85 16.14 0.67
CA VAL A 179 -2.88 17.57 0.48
C VAL A 179 -1.67 18.20 1.18
N THR A 180 -1.21 17.61 2.28
CA THR A 180 -0.04 18.15 2.99
C THR A 180 1.25 17.87 2.23
N ALA A 181 1.34 16.70 1.59
CA ALA A 181 2.52 16.28 0.82
C ALA A 181 2.60 16.83 -0.61
N CYS A 182 1.52 17.40 -1.11
CA CYS A 182 1.47 17.83 -2.50
C CYS A 182 2.55 18.88 -2.75
N ASN A 183 3.34 18.69 -3.81
CA ASN A 183 4.42 19.59 -4.14
C ASN A 183 4.04 20.68 -5.12
N VAL A 184 2.81 20.64 -5.61
CA VAL A 184 2.32 21.70 -6.49
C VAL A 184 1.88 22.86 -5.63
N GLN A 185 2.28 24.08 -6.00
CA GLN A 185 1.89 25.26 -5.24
C GLN A 185 0.38 25.46 -5.45
N LEU A 186 -0.37 25.39 -4.36
CA LEU A 186 -1.83 25.48 -4.39
C LEU A 186 -2.29 26.62 -3.52
N THR A 187 -3.34 27.29 -3.97
CA THR A 187 -4.07 28.25 -3.14
C THR A 187 -4.86 27.48 -2.08
N PRO A 188 -5.31 28.19 -1.05
CA PRO A 188 -6.15 27.47 -0.08
C PRO A 188 -7.42 26.85 -0.71
N ALA A 189 -8.08 27.55 -1.62
CA ALA A 189 -9.28 27.00 -2.27
C ALA A 189 -8.95 25.74 -3.05
N GLU A 190 -7.80 25.74 -3.72
CA GLU A 190 -7.35 24.56 -4.44
C GLU A 190 -7.02 23.38 -3.52
N ARG A 191 -6.37 23.65 -2.40
CA ARG A 191 -6.10 22.61 -1.46
C ARG A 191 -7.36 21.95 -0.92
N ILE A 192 -8.33 22.77 -0.56
CA ILE A 192 -9.62 22.27 -0.09
C ILE A 192 -10.34 21.47 -1.16
N LYS A 193 -10.27 21.92 -2.40
CA LYS A 193 -10.89 21.22 -3.50
C LYS A 193 -10.21 19.85 -3.69
N LEU A 194 -8.89 19.80 -3.60
CA LEU A 194 -8.17 18.56 -3.75
C LEU A 194 -8.55 17.59 -2.63
N ARG A 195 -8.65 18.12 -1.41
CA ARG A 195 -9.06 17.32 -0.26
C ARG A 195 -10.42 16.71 -0.53
N GLU A 196 -11.38 17.49 -1.02
CA GLU A 196 -12.72 16.97 -1.25
C GLU A 196 -12.76 15.96 -2.41
N ILE A 197 -11.99 16.19 -3.48
CA ILE A 197 -11.92 15.24 -4.58
C ILE A 197 -11.41 13.87 -4.10
N ALA A 198 -10.36 13.89 -3.29
CA ALA A 198 -9.76 12.64 -2.85
C ALA A 198 -10.72 11.86 -1.95
N GLU A 199 -11.57 12.58 -1.22
CA GLU A 199 -12.58 11.95 -0.36
C GLU A 199 -13.79 11.51 -1.19
N ASP A 200 -14.34 12.42 -1.98
CA ASP A 200 -15.58 12.14 -2.71
C ASP A 200 -15.41 11.04 -3.74
N ASN A 201 -14.24 10.97 -4.35
CA ASN A 201 -13.92 9.98 -5.35
C ASN A 201 -13.21 8.73 -4.80
N GLU A 202 -13.20 8.63 -3.48
CA GLU A 202 -12.79 7.40 -2.80
C GLU A 202 -11.42 6.91 -3.24
N TRP A 203 -10.41 7.71 -2.94
CA TRP A 203 -9.02 7.34 -3.24
C TRP A 203 -8.48 6.26 -2.29
N VAL A 204 -9.30 5.83 -1.32
CA VAL A 204 -9.10 4.54 -0.68
C VAL A 204 -10.32 3.70 -0.98
N THR A 205 -10.08 2.53 -1.56
CA THR A 205 -11.16 1.58 -1.84
C THR A 205 -11.08 0.37 -0.94
N LEU A 206 -12.25 -0.26 -0.78
CA LEU A 206 -12.45 -1.43 0.06
C LEU A 206 -13.06 -2.54 -0.81
N LEU A 207 -12.46 -3.73 -0.76
CA LEU A 207 -12.99 -4.86 -1.50
C LEU A 207 -14.36 -5.26 -0.94
N THR A 208 -15.33 -5.37 -1.84
CA THR A 208 -16.68 -5.83 -1.52
C THR A 208 -17.06 -6.94 -2.47
N TYR A 209 -18.07 -7.72 -2.10
CA TYR A 209 -18.64 -8.63 -3.07
C TYR A 209 -19.26 -7.84 -4.20
N LYS A 210 -19.26 -8.43 -5.39
CA LYS A 210 -19.91 -7.83 -6.55
C LYS A 210 -21.37 -7.55 -6.25
N HIS A 211 -21.87 -6.39 -6.70
CA HIS A 211 -23.24 -5.96 -6.39
C HIS A 211 -23.80 -4.96 -7.41
N LYS A 212 -25.11 -4.80 -7.41
CA LYS A 212 -25.75 -3.81 -8.25
C LYS A 212 -25.59 -2.45 -7.57
N GLN A 213 -25.28 -1.44 -8.38
CA GLN A 213 -25.04 -0.06 -7.93
C GLN A 213 -25.96 0.38 -6.78
N THR A 214 -27.27 0.20 -6.99
CA THR A 214 -28.27 0.54 -6.00
C THR A 214 -28.12 -0.27 -4.72
N LYS A 215 -27.75 -1.54 -4.87
CA LYS A 215 -27.89 -2.52 -3.80
C LYS A 215 -26.82 -2.42 -2.71
N LYS A 216 -27.06 -3.14 -1.63
CA LYS A 216 -26.12 -3.19 -0.52
C LYS A 216 -24.76 -3.69 -1.00
N ASP A 217 -23.70 -3.13 -0.45
CA ASP A 217 -22.34 -3.62 -0.71
C ASP A 217 -21.72 -4.17 0.56
N TYR A 218 -21.48 -5.47 0.52
CA TYR A 218 -20.94 -6.21 1.65
C TYR A 218 -19.43 -6.28 1.55
N THR A 219 -18.73 -5.95 2.63
CA THR A 219 -17.31 -6.08 2.71
C THR A 219 -16.91 -7.54 2.47
N LYS A 220 -15.88 -7.72 1.64
CA LYS A 220 -15.38 -9.05 1.31
C LYS A 220 -14.01 -9.25 1.94
N CYS A 221 -13.97 -10.04 3.00
CA CYS A 221 -12.70 -10.39 3.58
C CYS A 221 -11.93 -11.30 2.66
N VAL A 222 -10.60 -11.19 2.75
CA VAL A 222 -9.72 -12.12 2.06
C VAL A 222 -8.88 -12.89 3.08
N LEU A 223 -8.30 -14.01 2.64
CA LEU A 223 -7.48 -14.83 3.51
C LEU A 223 -6.03 -14.40 3.32
N PHE A 224 -5.46 -13.89 4.40
CA PHE A 224 -4.16 -13.19 4.41
C PHE A 224 -3.01 -13.95 3.76
N GLY A 225 -2.63 -15.08 4.36
CA GLY A 225 -1.48 -15.82 3.89
C GLY A 225 -1.70 -16.32 2.48
N ASN A 226 -2.90 -16.82 2.20
CA ASN A 226 -3.19 -17.36 0.88
C ASN A 226 -3.13 -16.29 -0.21
N MET A 227 -3.71 -15.12 0.02
CA MET A 227 -3.68 -14.07 -0.99
C MET A 227 -2.22 -13.61 -1.23
N ILE A 228 -1.42 -13.57 -0.18
CA ILE A 228 -0.04 -13.13 -0.34
C ILE A 228 0.76 -14.16 -1.16
N ALA A 229 0.71 -15.42 -0.75
CA ALA A 229 1.49 -16.45 -1.41
C ALA A 229 1.05 -16.75 -2.82
N TYR A 230 -0.26 -16.75 -3.07
CA TYR A 230 -0.76 -17.24 -4.34
C TYR A 230 -1.08 -16.12 -5.29
N TYR A 231 -0.95 -14.87 -4.85
CA TYR A 231 -1.22 -13.76 -5.73
C TYR A 231 -0.16 -12.64 -5.61
N PHE A 232 -0.02 -11.98 -4.47
CA PHE A 232 0.86 -10.82 -4.43
C PHE A 232 2.32 -11.20 -4.70
N LEU A 233 2.76 -12.35 -4.21
CA LEU A 233 4.14 -12.80 -4.42
C LEU A 233 4.41 -13.37 -5.81
N THR A 234 3.38 -13.48 -6.64
CA THR A 234 3.56 -13.95 -8.00
C THR A 234 3.89 -12.83 -9.01
N LYS A 235 3.80 -11.58 -8.57
CA LYS A 235 3.99 -10.47 -9.48
C LYS A 235 5.44 -10.30 -9.92
N LYS A 236 5.62 -9.68 -11.08
CA LYS A 236 6.95 -9.37 -11.61
C LYS A 236 7.43 -8.03 -11.08
N LYS A 237 8.70 -7.96 -10.70
CA LYS A 237 9.31 -6.75 -10.14
C LYS A 237 9.53 -5.72 -11.24
N ILE A 238 9.05 -4.53 -10.98
CA ILE A 238 9.33 -3.37 -11.82
C ILE A 238 10.82 -3.01 -11.74
N SER A 239 11.45 -2.88 -12.91
CA SER A 239 12.88 -2.59 -12.99
C SER A 239 13.20 -1.55 -14.07
N THR A 240 12.16 -0.89 -14.59
CA THR A 240 12.31 0.08 -15.66
C THR A 240 11.36 1.24 -15.44
N SER A 241 11.64 2.33 -16.14
CA SER A 241 10.68 3.41 -16.31
C SER A 241 10.54 3.66 -17.81
N PRO A 242 9.31 3.62 -18.36
CA PRO A 242 8.05 3.34 -17.64
C PRO A 242 7.98 1.91 -17.07
N PRO A 243 7.22 1.73 -15.99
CA PRO A 243 7.06 0.42 -15.35
C PRO A 243 6.31 -0.57 -16.22
N ARG A 244 6.62 -1.85 -16.06
CA ARG A 244 5.88 -2.90 -16.72
C ARG A 244 4.49 -2.98 -16.11
N ASP A 245 3.48 -3.09 -16.95
CA ASP A 245 2.13 -3.14 -16.44
C ASP A 245 1.96 -4.36 -15.55
N GLY A 246 1.35 -4.13 -14.39
CA GLY A 246 1.03 -5.21 -13.49
C GLY A 246 2.14 -5.56 -12.52
N GLY A 247 3.27 -4.87 -12.62
CA GLY A 247 4.40 -5.21 -11.78
C GLY A 247 4.29 -4.62 -10.38
N TYR A 248 5.17 -5.09 -9.48
CA TYR A 248 5.25 -4.52 -8.14
C TYR A 248 6.54 -3.73 -7.97
N PHE A 249 6.46 -2.66 -7.18
CA PHE A 249 7.63 -1.87 -6.80
C PHE A 249 8.29 -2.35 -5.52
N LEU A 250 7.48 -2.61 -4.52
CA LEU A 250 7.90 -2.67 -3.15
C LEU A 250 6.80 -3.35 -2.33
N SER A 251 7.19 -4.21 -1.38
CA SER A 251 6.24 -4.78 -0.45
C SER A 251 6.78 -4.79 0.94
N SER A 252 5.88 -4.92 1.90
CA SER A 252 6.29 -5.09 3.28
C SER A 252 5.18 -5.71 4.08
N ASP A 253 5.51 -6.17 5.27
CA ASP A 253 4.51 -6.71 6.17
C ASP A 253 4.84 -6.42 7.62
N SER A 254 3.86 -6.66 8.47
CA SER A 254 3.98 -6.34 9.89
C SER A 254 5.01 -7.18 10.64
N GLY A 255 5.48 -8.27 10.04
CA GLY A 255 6.51 -9.09 10.64
C GLY A 255 7.90 -8.83 10.05
N TRP A 256 7.97 -7.89 9.12
CA TRP A 256 9.20 -7.66 8.34
C TRP A 256 9.71 -8.93 7.69
N LYS A 257 8.78 -9.79 7.25
CA LYS A 257 9.14 -11.09 6.73
C LYS A 257 9.39 -11.12 5.22
N THR A 258 8.54 -10.45 4.47
CA THR A 258 8.68 -10.43 3.02
C THR A 258 9.47 -9.24 2.52
N ASN A 259 9.66 -8.23 3.37
CA ASN A 259 10.22 -6.95 2.97
C ASN A 259 11.48 -7.06 2.13
N PHE A 260 12.43 -7.82 2.61
CA PHE A 260 13.77 -7.82 2.00
C PHE A 260 13.95 -8.86 0.91
N LEU A 261 12.91 -9.62 0.59
CA LEU A 261 13.04 -10.72 -0.37
C LEU A 261 13.12 -10.16 -1.79
N LYS A 262 14.06 -10.71 -2.55
CA LYS A 262 14.21 -10.42 -3.98
C LYS A 262 13.10 -11.17 -4.73
N GLU A 263 12.86 -10.78 -5.99
CA GLU A 263 11.80 -11.43 -6.78
C GLU A 263 11.93 -12.96 -6.76
N GLY A 264 13.13 -13.48 -6.98
CA GLY A 264 13.31 -14.92 -7.04
C GLY A 264 12.95 -15.59 -5.73
N GLU A 265 13.29 -14.94 -4.63
CA GLU A 265 13.02 -15.48 -3.30
C GLU A 265 11.53 -15.48 -3.02
N ARG A 266 10.83 -14.45 -3.49
CA ARG A 266 9.39 -14.38 -3.37
C ARG A 266 8.72 -15.57 -4.07
N HIS A 267 9.17 -15.90 -5.27
CA HIS A 267 8.61 -17.06 -5.95
C HIS A 267 8.94 -18.38 -5.24
N LEU A 268 10.11 -18.47 -4.60
CA LEU A 268 10.43 -19.64 -3.78
C LEU A 268 9.47 -19.77 -2.59
N VAL A 269 9.12 -18.64 -1.97
CA VAL A 269 8.15 -18.65 -0.88
C VAL A 269 6.82 -19.22 -1.38
N SER A 270 6.34 -18.77 -2.53
CA SER A 270 5.09 -19.33 -3.04
C SER A 270 5.21 -20.84 -3.25
N LYS A 271 6.33 -21.28 -3.80
CA LYS A 271 6.54 -22.69 -4.10
C LYS A 271 6.53 -23.53 -2.80
N LEU A 272 7.25 -23.05 -1.78
CA LEU A 272 7.30 -23.75 -0.51
C LEU A 272 5.97 -23.73 0.23
N TYR A 273 5.23 -22.63 0.08
CA TYR A 273 3.95 -22.44 0.76
C TYR A 273 2.94 -23.45 0.30
N THR A 274 3.03 -23.80 -0.98
CA THR A 274 2.10 -24.71 -1.63
C THR A 274 2.29 -26.14 -1.12
C1 BME B . -12.84 -8.76 9.14
C2 BME B . -12.02 -8.84 7.85
O1 BME B . -12.14 -9.27 10.24
S2 BME B . -13.05 -8.36 6.42
H11 BME B . -13.77 -9.32 9.01
H12 BME B . -13.11 -7.72 9.32
H21 BME B . -11.16 -8.19 7.92
H22 BME B . -11.67 -9.87 7.71
HO1 BME B . -11.25 -9.58 9.95
HS2 BME B . -12.50 -8.31 5.64
NA NA C . 5.91 -1.58 1.37
NA NA D . 6.32 13.16 3.36
NA NA E . 8.58 5.58 -13.79
#